data_2PB1
#
_entry.id   2PB1
#
_cell.length_a   60.149
_cell.length_b   65.586
_cell.length_c   96.966
_cell.angle_alpha   90.000
_cell.angle_beta   90.000
_cell.angle_gamma   90.000
#
_symmetry.space_group_name_H-M   'P 21 21 21'
#
loop_
_entity.id
_entity.type
_entity.pdbx_description
1 polymer 'Hypothetical protein XOG1'
2 non-polymer 2-deoxy-2-fluoro-alpha-D-glucopyranose
3 non-polymer '2,4-dinitrophenyl 2-deoxy-2-fluoro-beta-D-glucopyranoside'
4 water water
#
_entity_poly.entity_id   1
_entity_poly.type   'polypeptide(L)'
_entity_poly.pdbx_seq_one_letter_code
;GGGHNVAWDYDNNVIRGVNLGGWFVLEPYMTPSLFEPFQNGNDQSGVPVDEYHWTQTLGKEAALRILQKHWSTWITEQDF
KQISNLGLNFVRIPIGYWAFQLLDNDPYVQGQVQYLEKALGWARKNNIRVWIDLHGAPGSQNGFDNSGLRDSYNFQNGDN
TQVTLNVLNTIFKKYGGNEYSDVVIGIELLNEPLGPVLNMDKLKQFFLDGYNSLRQTGSVTPVIIHDAFQVFGYWNNFLT
VAEGQWNVVVDHHHYQVFSGGELSRNINDHISVACNWGWDAKKESHWNVAGEWSAALTDCAKWLNGVNRGARYEGAYDNA
PYIGSCQPLLDISQWSDEHKTDTRRYIEAQLDAFEYTGGWVFWSWKTENAPEWSFQTLTYNGLFPQPVTDRQFPNQCGFH
;
_entity_poly.pdbx_strand_id   A
#
# COMPACT_ATOMS: atom_id res chain seq x y z
N ALA A 7 -4.77 -4.54 -21.86
CA ALA A 7 -5.83 -4.99 -20.87
C ALA A 7 -6.43 -3.81 -20.08
N TRP A 8 -5.83 -2.64 -20.28
CA TRP A 8 -6.23 -1.41 -19.60
C TRP A 8 -5.84 -0.23 -20.47
N ASP A 9 -6.65 0.82 -20.44
CA ASP A 9 -6.39 2.05 -21.20
C ASP A 9 -6.16 3.16 -20.17
N TYR A 10 -4.88 3.47 -19.93
CA TYR A 10 -4.52 4.43 -18.87
C TYR A 10 -4.91 5.86 -19.24
N ASP A 11 -5.17 6.11 -20.53
CA ASP A 11 -5.72 7.40 -20.97
C ASP A 11 -7.19 7.54 -20.68
N ASN A 12 -7.96 6.49 -20.93
CA ASN A 12 -9.41 6.61 -20.89
C ASN A 12 -10.09 5.97 -19.69
N ASN A 13 -9.42 5.05 -19.01
CA ASN A 13 -10.03 4.33 -17.90
C ASN A 13 -9.54 4.93 -16.57
N VAL A 14 -10.36 4.79 -15.53
CA VAL A 14 -9.98 5.20 -14.19
C VAL A 14 -9.91 3.96 -13.29
N ILE A 15 -8.81 3.83 -12.55
CA ILE A 15 -8.63 2.71 -11.63
C ILE A 15 -9.46 2.99 -10.38
N ARG A 16 -10.25 2.00 -9.98
CA ARG A 16 -11.04 2.07 -8.77
C ARG A 16 -10.77 0.78 -8.04
N GLY A 17 -9.82 0.82 -7.12
CA GLY A 17 -9.31 -0.38 -6.49
C GLY A 17 -8.99 -0.35 -5.02
N VAL A 18 -8.55 -1.50 -4.54
CA VAL A 18 -8.17 -1.68 -3.17
C VAL A 18 -6.90 -2.46 -3.13
N ASN A 19 -6.14 -2.21 -2.08
CA ASN A 19 -4.93 -2.97 -1.80
C ASN A 19 -5.35 -4.21 -1.05
N LEU A 20 -4.65 -5.32 -1.31
CA LEU A 20 -4.86 -6.55 -0.52
C LEU A 20 -3.74 -6.66 0.51
N GLY A 21 -3.70 -5.69 1.39
CA GLY A 21 -2.69 -5.61 2.41
C GLY A 21 -2.86 -6.59 3.54
N GLY A 22 -1.75 -6.87 4.23
CA GLY A 22 -1.76 -7.74 5.41
C GLY A 22 -1.81 -9.23 5.06
N TRP A 23 -1.78 -9.56 3.78
CA TRP A 23 -1.95 -10.91 3.33
C TRP A 23 -0.61 -11.64 3.23
N PHE A 24 0.27 -11.19 2.34
CA PHE A 24 1.58 -11.82 2.13
C PHE A 24 2.75 -11.15 2.86
N VAL A 25 2.48 -10.00 3.44
CA VAL A 25 3.42 -9.30 4.29
C VAL A 25 2.62 -8.93 5.54
N LEU A 26 3.04 -9.46 6.68
CA LEU A 26 2.32 -9.18 7.94
C LEU A 26 2.54 -7.74 8.41
N GLU A 27 1.46 -7.09 8.82
CA GLU A 27 1.55 -5.79 9.46
C GLU A 27 0.81 -5.80 10.78
N PRO A 28 1.53 -5.56 11.90
CA PRO A 28 0.89 -5.65 13.24
C PRO A 28 -0.44 -4.89 13.41
N TYR A 29 -0.56 -3.67 12.87
CA TYR A 29 -1.79 -2.91 13.06
C TYR A 29 -2.99 -3.51 12.29
N MET A 30 -2.70 -4.30 11.25
CA MET A 30 -3.73 -4.87 10.40
C MET A 30 -4.22 -6.22 10.92
N THR A 31 -3.31 -7.04 11.46
CA THR A 31 -3.67 -8.34 12.04
C THR A 31 -3.08 -8.42 13.46
N PRO A 32 -3.57 -7.57 14.38
CA PRO A 32 -2.99 -7.60 15.71
C PRO A 32 -3.14 -8.95 16.43
N SER A 33 -4.10 -9.78 16.02
CA SER A 33 -4.28 -11.10 16.67
C SER A 33 -3.05 -12.01 16.55
N LEU A 34 -2.24 -11.82 15.51
CA LEU A 34 -1.03 -12.62 15.34
C LEU A 34 0.14 -12.16 16.23
N PHE A 35 0.08 -10.95 16.75
CA PHE A 35 1.16 -10.39 17.55
C PHE A 35 0.85 -10.32 19.05
N GLU A 36 -0.42 -10.11 19.37
CA GLU A 36 -0.87 -9.96 20.74
C GLU A 36 -0.55 -11.15 21.68
N PRO A 37 -0.55 -12.40 21.20
CA PRO A 37 -0.14 -13.50 22.09
C PRO A 37 1.23 -13.32 22.73
N PHE A 38 2.11 -12.53 22.11
CA PHE A 38 3.43 -12.27 22.68
C PHE A 38 3.45 -11.20 23.78
N GLN A 39 2.33 -10.52 24.02
CA GLN A 39 2.28 -9.51 25.08
C GLN A 39 2.29 -10.18 26.46
N ASN A 40 2.88 -9.47 27.41
CA ASN A 40 2.97 -9.94 28.79
C ASN A 40 2.22 -8.94 29.66
N GLY A 41 0.94 -9.21 29.82
CA GLY A 41 0.01 -8.28 30.38
C GLY A 41 -0.08 -7.03 29.52
N ASN A 42 0.36 -5.92 30.09
CA ASN A 42 0.36 -4.65 29.41
C ASN A 42 1.74 -4.33 28.82
N ASP A 43 2.69 -5.23 29.03
CA ASP A 43 4.07 -5.06 28.58
C ASP A 43 4.17 -5.56 27.15
N GLN A 44 4.58 -4.67 26.26
CA GLN A 44 4.68 -4.97 24.83
C GLN A 44 6.14 -5.17 24.43
N SER A 45 7.04 -5.15 25.42
CA SER A 45 8.48 -5.17 25.15
C SER A 45 8.94 -6.45 24.42
N GLY A 46 8.23 -7.55 24.60
CA GLY A 46 8.56 -8.80 23.93
C GLY A 46 7.76 -9.16 22.68
N VAL A 47 6.95 -8.23 22.18
CA VAL A 47 6.18 -8.47 20.96
C VAL A 47 7.14 -8.27 19.76
N PRO A 48 7.22 -9.27 18.86
CA PRO A 48 8.05 -9.11 17.66
C PRO A 48 7.54 -7.93 16.84
N VAL A 49 8.46 -7.11 16.29
CA VAL A 49 8.06 -5.82 15.72
C VAL A 49 7.72 -5.88 14.22
N ASP A 50 8.09 -6.98 13.60
CA ASP A 50 7.92 -7.18 12.17
C ASP A 50 7.87 -8.65 11.76
N GLU A 51 7.63 -8.92 10.47
CA GLU A 51 7.56 -10.31 10.01
C GLU A 51 8.88 -11.04 10.21
N TYR A 52 9.99 -10.35 9.96
CA TYR A 52 11.31 -10.89 10.19
C TYR A 52 11.42 -11.53 11.60
N HIS A 53 11.09 -10.74 12.60
CA HIS A 53 11.27 -11.15 14.01
C HIS A 53 10.18 -12.10 14.47
N TRP A 54 8.97 -11.95 13.91
CA TRP A 54 7.86 -12.86 14.18
C TRP A 54 8.20 -14.31 13.74
N THR A 55 8.67 -14.46 12.51
CA THR A 55 9.07 -15.78 11.97
C THR A 55 10.30 -16.33 12.70
N GLN A 56 11.21 -15.45 13.07
CA GLN A 56 12.43 -15.85 13.78
C GLN A 56 12.09 -16.37 15.17
N THR A 57 11.19 -15.68 15.86
CA THR A 57 10.79 -16.04 17.22
C THR A 57 9.99 -17.35 17.25
N LEU A 58 9.17 -17.58 16.23
CA LEU A 58 8.33 -18.75 16.21
C LEU A 58 9.09 -19.97 15.74
N GLY A 59 10.09 -19.75 14.86
CA GLY A 59 10.75 -20.83 14.19
C GLY A 59 9.99 -21.28 12.95
N LYS A 60 10.69 -22.01 12.09
CA LYS A 60 10.15 -22.34 10.77
C LYS A 60 8.86 -23.14 10.81
N GLU A 61 8.77 -24.13 11.68
CA GLU A 61 7.59 -25.00 11.68
C GLU A 61 6.30 -24.32 12.15
N ALA A 62 6.38 -23.60 13.27
CA ALA A 62 5.24 -22.88 13.83
C ALA A 62 4.86 -21.73 12.88
N ALA A 63 5.86 -21.03 12.33
CA ALA A 63 5.61 -19.91 11.40
C ALA A 63 4.82 -20.38 10.19
N LEU A 64 5.24 -21.50 9.58
CA LEU A 64 4.56 -22.02 8.39
C LEU A 64 3.16 -22.54 8.69
N ARG A 65 2.96 -23.19 9.86
CA ARG A 65 1.62 -23.64 10.24
C ARG A 65 0.64 -22.45 10.38
N ILE A 66 1.09 -21.42 11.08
CA ILE A 66 0.24 -20.27 11.37
C ILE A 66 -0.02 -19.47 10.07
N LEU A 67 1.01 -19.31 9.26
CA LEU A 67 0.88 -18.51 8.02
C LEU A 67 0.05 -19.21 6.97
N GLN A 68 0.13 -20.53 6.89
CA GLN A 68 -0.70 -21.26 5.93
C GLN A 68 -2.19 -21.06 6.21
N LYS A 69 -2.56 -21.09 7.48
CA LYS A 69 -3.91 -20.82 7.89
C LYS A 69 -4.31 -19.36 7.54
N HIS A 70 -3.40 -18.42 7.80
CA HIS A 70 -3.64 -17.00 7.46
C HIS A 70 -3.82 -16.78 5.95
N TRP A 71 -2.88 -17.30 5.17
CA TRP A 71 -2.90 -17.15 3.70
C TRP A 71 -4.15 -17.76 3.08
N SER A 72 -4.63 -18.87 3.66
CA SER A 72 -5.79 -19.56 3.14
C SER A 72 -7.16 -18.97 3.56
N THR A 73 -7.18 -18.08 4.55
CA THR A 73 -8.44 -17.52 5.06
C THR A 73 -8.55 -16.00 4.98
N TRP A 74 -7.43 -15.27 4.95
CA TRP A 74 -7.49 -13.78 5.04
C TRP A 74 -8.19 -13.17 3.83
N ILE A 75 -7.80 -13.64 2.64
CA ILE A 75 -8.45 -13.29 1.37
C ILE A 75 -8.76 -14.60 0.63
N THR A 76 -9.97 -14.71 0.10
CA THR A 76 -10.37 -15.88 -0.65
C THR A 76 -11.08 -15.42 -1.92
N GLU A 77 -11.55 -16.38 -2.71
CA GLU A 77 -12.28 -16.07 -3.91
C GLU A 77 -13.52 -15.23 -3.61
N GLN A 78 -14.14 -15.42 -2.43
CA GLN A 78 -15.35 -14.66 -2.07
C GLN A 78 -15.11 -13.15 -2.01
N ASP A 79 -13.95 -12.78 -1.50
CA ASP A 79 -13.51 -11.37 -1.43
C ASP A 79 -13.45 -10.72 -2.81
N PHE A 80 -12.90 -11.44 -3.77
CA PHE A 80 -12.84 -10.98 -5.16
C PHE A 80 -14.22 -10.76 -5.79
N LYS A 81 -15.18 -11.64 -5.49
CA LYS A 81 -16.57 -11.43 -5.93
C LYS A 81 -17.16 -10.18 -5.27
N GLN A 82 -16.92 -9.98 -3.98
CA GLN A 82 -17.45 -8.82 -3.26
C GLN A 82 -16.82 -7.52 -3.81
N ILE A 83 -15.54 -7.58 -4.12
CA ILE A 83 -14.83 -6.43 -4.69
C ILE A 83 -15.47 -6.01 -6.02
N SER A 84 -15.70 -6.98 -6.90
CA SER A 84 -16.35 -6.74 -8.17
C SER A 84 -17.80 -6.23 -8.00
N ASN A 85 -18.53 -6.85 -7.09
CA ASN A 85 -19.88 -6.40 -6.77
C ASN A 85 -19.98 -4.97 -6.28
N LEU A 86 -18.96 -4.50 -5.56
CA LEU A 86 -18.93 -3.13 -5.09
C LEU A 86 -18.55 -2.09 -6.18
N GLY A 87 -18.29 -2.54 -7.39
CA GLY A 87 -17.96 -1.66 -8.48
C GLY A 87 -16.47 -1.30 -8.58
N LEU A 88 -15.62 -2.07 -7.91
CA LEU A 88 -14.19 -1.93 -8.07
C LEU A 88 -13.68 -2.77 -9.27
N ASN A 89 -12.60 -2.29 -9.90
CA ASN A 89 -12.07 -2.90 -11.11
C ASN A 89 -10.61 -3.37 -10.98
N PHE A 90 -10.05 -3.27 -9.78
CA PHE A 90 -8.60 -3.36 -9.65
C PHE A 90 -8.17 -3.72 -8.23
N VAL A 91 -7.11 -4.53 -8.14
CA VAL A 91 -6.43 -4.74 -6.88
C VAL A 91 -4.91 -4.58 -7.05
N ARG A 92 -4.27 -4.05 -6.01
CA ARG A 92 -2.82 -4.06 -5.83
C ARG A 92 -2.41 -5.11 -4.80
N ILE A 93 -1.45 -5.95 -5.16
CA ILE A 93 -1.07 -7.09 -4.30
C ILE A 93 0.37 -6.96 -3.82
N PRO A 94 0.56 -6.54 -2.56
CA PRO A 94 1.89 -6.51 -1.95
C PRO A 94 2.47 -7.90 -1.72
N ILE A 95 3.75 -8.07 -2.03
CA ILE A 95 4.43 -9.34 -1.74
C ILE A 95 5.87 -9.03 -1.40
N GLY A 96 6.47 -9.79 -0.49
CA GLY A 96 7.86 -9.54 -0.13
C GLY A 96 8.83 -10.37 -0.97
N TYR A 97 10.10 -9.97 -0.94
CA TYR A 97 11.15 -10.63 -1.74
C TYR A 97 11.29 -12.10 -1.34
N TRP A 98 11.05 -12.36 -0.04
CA TRP A 98 11.26 -13.71 0.55
C TRP A 98 10.32 -14.77 0.03
N ALA A 99 9.22 -14.36 -0.64
CA ALA A 99 8.36 -15.32 -1.35
C ALA A 99 9.08 -16.02 -2.50
N PHE A 100 10.12 -15.38 -3.01
CA PHE A 100 10.87 -15.85 -4.18
C PHE A 100 12.28 -16.31 -3.86
N GLN A 101 12.96 -15.61 -2.96
CA GLN A 101 14.38 -15.87 -2.69
C GLN A 101 14.68 -15.54 -1.23
N LEU A 102 15.39 -16.43 -0.55
CA LEU A 102 15.84 -16.13 0.83
C LEU A 102 17.33 -15.77 0.90
N LEU A 103 17.69 -14.80 1.73
CA LEU A 103 19.11 -14.57 2.04
C LEU A 103 19.55 -15.73 2.91
N ASP A 104 20.87 -15.95 3.02
CA ASP A 104 21.36 -17.00 3.92
C ASP A 104 20.96 -16.58 5.34
N ASN A 105 20.43 -17.49 6.13
CA ASN A 105 20.03 -17.12 7.50
C ASN A 105 18.75 -16.26 7.62
N ASP A 106 17.99 -16.03 6.53
CA ASP A 106 16.68 -15.37 6.63
C ASP A 106 15.72 -16.31 7.39
N PRO A 107 14.92 -15.76 8.31
CA PRO A 107 13.96 -16.53 9.11
C PRO A 107 12.64 -16.79 8.40
N TYR A 108 12.41 -16.06 7.31
CA TYR A 108 11.14 -16.15 6.59
C TYR A 108 10.83 -17.53 6.06
N VAL A 109 9.54 -17.80 5.95
CA VAL A 109 9.04 -19.00 5.30
C VAL A 109 8.37 -18.64 3.94
N GLN A 110 8.33 -19.62 3.05
CA GLN A 110 7.78 -19.44 1.71
C GLN A 110 6.45 -20.18 1.54
N GLY A 111 5.83 -19.97 0.40
CA GLY A 111 4.53 -20.55 0.14
C GLY A 111 3.51 -19.57 -0.37
N GLN A 112 3.88 -18.28 -0.37
CA GLN A 112 2.95 -17.22 -0.75
C GLN A 112 2.60 -17.34 -2.23
N VAL A 113 3.56 -17.81 -3.05
CA VAL A 113 3.40 -17.81 -4.51
C VAL A 113 2.19 -18.66 -4.93
N GLN A 114 1.97 -19.81 -4.31
CA GLN A 114 0.77 -20.60 -4.63
C GLN A 114 -0.53 -19.77 -4.51
N TYR A 115 -0.62 -18.94 -3.46
CA TYR A 115 -1.83 -18.13 -3.25
C TYR A 115 -1.87 -16.89 -4.17
N LEU A 116 -0.72 -16.31 -4.44
CA LEU A 116 -0.63 -15.25 -5.45
C LEU A 116 -1.24 -15.78 -6.75
N GLU A 117 -0.84 -16.98 -7.18
CA GLU A 117 -1.32 -17.53 -8.44
C GLU A 117 -2.82 -17.86 -8.41
N LYS A 118 -3.34 -18.33 -7.27
CA LYS A 118 -4.78 -18.48 -7.12
C LYS A 118 -5.47 -17.14 -7.27
N ALA A 119 -4.91 -16.09 -6.68
CA ALA A 119 -5.53 -14.74 -6.71
C ALA A 119 -5.62 -14.20 -8.15
N LEU A 120 -4.59 -14.47 -8.96
CA LEU A 120 -4.58 -14.08 -10.37
C LEU A 120 -5.74 -14.73 -11.12
N GLY A 121 -6.03 -16.00 -10.83
CA GLY A 121 -7.19 -16.66 -11.39
C GLY A 121 -8.49 -16.09 -10.91
N TRP A 122 -8.58 -15.77 -9.61
CA TRP A 122 -9.80 -15.18 -9.06
C TRP A 122 -10.05 -13.80 -9.70
N ALA A 123 -8.97 -13.05 -9.91
CA ALA A 123 -9.03 -11.78 -10.61
C ALA A 123 -9.59 -11.95 -12.01
N ARG A 124 -9.02 -12.88 -12.78
CA ARG A 124 -9.48 -13.14 -14.15
C ARG A 124 -10.99 -13.44 -14.20
N LYS A 125 -11.42 -14.37 -13.34
CA LYS A 125 -12.79 -14.78 -13.25
C LYS A 125 -13.77 -13.65 -12.91
N ASN A 126 -13.31 -12.64 -12.17
CA ASN A 126 -14.16 -11.53 -11.73
C ASN A 126 -13.88 -10.19 -12.43
N ASN A 127 -13.14 -10.22 -13.54
CA ASN A 127 -12.88 -9.03 -14.36
C ASN A 127 -12.16 -7.92 -13.56
N ILE A 128 -11.21 -8.34 -12.72
CA ILE A 128 -10.44 -7.41 -11.91
C ILE A 128 -9.02 -7.44 -12.47
N ARG A 129 -8.42 -6.27 -12.63
CA ARG A 129 -7.03 -6.16 -13.09
C ARG A 129 -6.10 -5.99 -11.89
N VAL A 130 -4.81 -6.21 -12.09
CA VAL A 130 -3.87 -6.34 -10.98
C VAL A 130 -2.56 -5.58 -11.19
N TRP A 131 -2.02 -4.99 -10.10
CA TRP A 131 -0.59 -4.76 -10.00
C TRP A 131 0.01 -5.73 -8.99
N ILE A 132 1.16 -6.28 -9.34
CA ILE A 132 2.01 -6.93 -8.36
C ILE A 132 3.04 -5.92 -7.85
N ASP A 133 3.16 -5.82 -6.52
CA ASP A 133 3.96 -4.80 -5.88
C ASP A 133 4.99 -5.47 -4.99
N LEU A 134 6.27 -5.26 -5.31
CA LEU A 134 7.37 -5.72 -4.46
C LEU A 134 7.49 -4.79 -3.24
N HIS A 135 6.97 -5.28 -2.11
CA HIS A 135 6.71 -4.45 -0.97
C HIS A 135 7.88 -4.39 0.00
N GLY A 136 8.75 -5.40 -0.05
CA GLY A 136 9.92 -5.43 0.83
C GLY A 136 11.10 -5.99 0.08
N ALA A 137 12.21 -5.28 0.18
CA ALA A 137 13.48 -5.65 -0.43
C ALA A 137 14.46 -6.08 0.67
N PRO A 138 15.43 -6.91 0.30
CA PRO A 138 16.45 -7.31 1.31
C PRO A 138 17.19 -6.11 1.93
N GLY A 139 17.30 -6.12 3.26
CA GLY A 139 17.95 -5.05 4.00
C GLY A 139 17.05 -3.89 4.36
N SER A 140 15.87 -3.89 3.72
CA SER A 140 14.84 -2.85 3.81
C SER A 140 15.20 -1.59 3.06
N GLN A 141 14.22 -1.14 2.27
CA GLN A 141 14.30 0.10 1.50
C GLN A 141 13.76 1.31 2.27
N ASN A 142 13.19 1.09 3.47
CA ASN A 142 12.59 2.19 4.21
C ASN A 142 12.59 2.11 5.75
N GLY A 143 12.95 0.96 6.33
CA GLY A 143 12.87 0.78 7.78
C GLY A 143 11.46 0.72 8.37
N PHE A 144 10.42 0.60 7.52
CA PHE A 144 9.07 0.47 8.02
C PHE A 144 8.80 -0.99 8.33
N ASP A 145 7.93 -1.26 9.29
CA ASP A 145 7.62 -2.66 9.57
C ASP A 145 6.99 -3.38 8.34
N ASN A 146 6.28 -2.64 7.50
CA ASN A 146 5.64 -3.20 6.31
C ASN A 146 6.61 -3.60 5.15
N SER A 147 7.89 -3.27 5.28
CA SER A 147 8.94 -3.83 4.40
C SER A 147 9.41 -5.23 4.82
N GLY A 148 8.94 -5.70 5.98
CA GLY A 148 9.45 -6.93 6.59
C GLY A 148 10.44 -6.73 7.74
N LEU A 149 11.19 -5.64 7.69
CA LEU A 149 12.31 -5.40 8.60
C LEU A 149 12.35 -3.94 9.07
N ARG A 150 11.96 -3.70 10.32
CA ARG A 150 11.84 -2.36 10.82
C ARG A 150 13.19 -1.78 11.25
N ASP A 151 13.33 -0.49 11.11
CA ASP A 151 14.45 0.28 11.65
C ASP A 151 15.82 -0.06 11.02
N SER A 152 15.82 -0.64 9.82
CA SER A 152 17.03 -0.95 9.05
C SER A 152 16.89 -0.32 7.68
N TYR A 153 17.99 0.16 7.09
CA TYR A 153 17.96 0.88 5.81
C TYR A 153 19.10 0.43 4.92
N ASN A 154 19.19 -0.87 4.65
CA ASN A 154 20.36 -1.44 3.96
C ASN A 154 20.14 -1.96 2.52
N PHE A 155 19.02 -1.59 1.92
CA PHE A 155 18.74 -1.98 0.53
C PHE A 155 19.87 -1.61 -0.45
N GLN A 156 20.54 -0.47 -0.25
CA GLN A 156 21.65 -0.04 -1.12
C GLN A 156 23.03 -0.51 -0.64
N ASN A 157 23.06 -1.35 0.37
CA ASN A 157 24.30 -1.89 0.88
C ASN A 157 24.56 -3.29 0.42
N GLY A 158 25.85 -3.62 0.34
CA GLY A 158 26.24 -4.96 -0.02
C GLY A 158 25.67 -5.38 -1.37
N ASP A 159 25.20 -6.60 -1.43
CA ASP A 159 24.60 -7.15 -2.64
C ASP A 159 23.06 -7.05 -2.63
N ASN A 160 22.50 -6.27 -1.72
CA ASN A 160 21.04 -6.24 -1.57
C ASN A 160 20.30 -5.71 -2.82
N THR A 161 20.85 -4.71 -3.51
CA THR A 161 20.19 -4.20 -4.74
C THR A 161 20.21 -5.28 -5.84
N GLN A 162 21.35 -5.95 -5.98
CA GLN A 162 21.47 -7.04 -6.96
C GLN A 162 20.50 -8.18 -6.70
N VAL A 163 20.36 -8.56 -5.43
CA VAL A 163 19.40 -9.59 -5.05
C VAL A 163 17.99 -9.14 -5.39
N THR A 164 17.69 -7.87 -5.15
CA THR A 164 16.34 -7.34 -5.46
C THR A 164 16.07 -7.45 -6.97
N LEU A 165 17.07 -7.08 -7.77
CA LEU A 165 16.94 -7.22 -9.24
C LEU A 165 16.74 -8.67 -9.71
N ASN A 166 17.40 -9.61 -9.05
CA ASN A 166 17.22 -11.03 -9.35
C ASN A 166 15.79 -11.46 -9.03
N VAL A 167 15.28 -10.99 -7.89
CA VAL A 167 13.88 -11.30 -7.52
C VAL A 167 12.91 -10.72 -8.55
N LEU A 168 13.14 -9.48 -8.96
CA LEU A 168 12.32 -8.83 -10.01
C LEU A 168 12.36 -9.60 -11.33
N ASN A 169 13.53 -10.09 -11.71
CA ASN A 169 13.59 -10.89 -12.94
C ASN A 169 12.75 -12.15 -12.90
N THR A 170 12.70 -12.79 -11.73
CA THR A 170 11.80 -13.91 -11.53
C THR A 170 10.35 -13.49 -11.69
N ILE A 171 9.97 -12.39 -11.05
CA ILE A 171 8.62 -11.85 -11.17
C ILE A 171 8.30 -11.49 -12.64
N PHE A 172 9.26 -10.88 -13.33
CA PHE A 172 9.10 -10.50 -14.75
C PHE A 172 8.83 -11.70 -15.64
N LYS A 173 9.58 -12.79 -15.46
CA LYS A 173 9.43 -13.99 -16.30
C LYS A 173 8.13 -14.72 -16.01
N LYS A 174 7.76 -14.81 -14.74
CA LYS A 174 6.50 -15.44 -14.35
C LYS A 174 5.23 -14.66 -14.70
N TYR A 175 5.22 -13.36 -14.41
CA TYR A 175 3.95 -12.60 -14.43
C TYR A 175 3.91 -11.45 -15.43
N GLY A 176 5.01 -11.21 -16.13
CA GLY A 176 5.08 -10.12 -17.13
C GLY A 176 4.97 -10.63 -18.55
N GLY A 177 4.65 -11.92 -18.71
CA GLY A 177 4.56 -12.55 -20.03
C GLY A 177 3.15 -12.73 -20.54
N ASN A 178 3.01 -13.56 -21.58
CA ASN A 178 1.73 -13.73 -22.26
C ASN A 178 0.67 -14.39 -21.40
N GLU A 179 1.09 -15.22 -20.44
CA GLU A 179 0.15 -15.96 -19.61
C GLU A 179 -0.83 -15.09 -18.80
N TYR A 180 -0.38 -13.93 -18.36
CA TYR A 180 -1.18 -13.09 -17.49
C TYR A 180 -1.49 -11.72 -18.08
N SER A 181 -1.31 -11.56 -19.40
CA SER A 181 -1.43 -10.26 -20.05
C SER A 181 -2.87 -9.71 -19.99
N ASP A 182 -3.85 -10.56 -19.72
CA ASP A 182 -5.23 -10.12 -19.57
C ASP A 182 -5.58 -9.68 -18.14
N VAL A 183 -4.67 -9.88 -17.20
CA VAL A 183 -4.93 -9.65 -15.78
C VAL A 183 -3.94 -8.63 -15.20
N VAL A 184 -2.64 -8.86 -15.43
CA VAL A 184 -1.59 -8.02 -14.85
C VAL A 184 -1.40 -6.77 -15.68
N ILE A 185 -1.73 -5.60 -15.10
CA ILE A 185 -1.57 -4.30 -15.82
C ILE A 185 -0.43 -3.44 -15.28
N GLY A 186 0.42 -4.03 -14.44
CA GLY A 186 1.56 -3.31 -13.91
C GLY A 186 2.35 -4.17 -12.95
N ILE A 187 3.67 -4.03 -13.00
CA ILE A 187 4.57 -4.57 -11.99
C ILE A 187 5.28 -3.37 -11.34
N GLU A 188 5.09 -3.24 -10.02
CA GLU A 188 5.65 -2.15 -9.26
C GLU A 188 6.97 -2.58 -8.67
N LEU A 189 8.04 -1.90 -9.08
CA LEU A 189 9.40 -2.34 -8.78
C LEU A 189 9.75 -2.36 -7.28
N LEU A 190 9.25 -1.40 -6.52
CA LEU A 190 9.61 -1.29 -5.08
C LEU A 190 8.67 -0.32 -4.37
N ASN A 191 7.96 -0.81 -3.36
CA ASN A 191 7.08 0.06 -2.57
C ASN A 191 7.86 1.03 -1.69
N GLU A 192 7.57 2.32 -1.79
CA GLU A 192 8.03 3.32 -0.79
C GLU A 192 9.52 3.28 -0.39
N PRO A 193 10.43 3.33 -1.40
CA PRO A 193 11.83 3.54 -1.01
C PRO A 193 11.92 4.91 -0.33
N LEU A 194 12.64 4.99 0.78
CA LEU A 194 12.65 6.21 1.58
C LEU A 194 13.67 7.20 1.02
N GLY A 195 13.26 7.94 0.01
CA GLY A 195 14.13 8.89 -0.70
C GLY A 195 15.14 9.63 0.15
N PRO A 196 14.69 10.35 1.18
CA PRO A 196 15.55 11.15 2.06
C PRO A 196 16.78 10.47 2.67
N VAL A 197 16.72 9.16 2.88
CA VAL A 197 17.87 8.45 3.44
C VAL A 197 18.62 7.60 2.40
N LEU A 198 18.20 7.65 1.15
CA LEU A 198 18.83 6.85 0.11
C LEU A 198 19.70 7.73 -0.82
N ASN A 199 20.60 7.09 -1.54
CA ASN A 199 21.26 7.71 -2.67
C ASN A 199 20.33 7.71 -3.89
N MET A 200 19.83 8.88 -4.26
CA MET A 200 18.83 8.99 -5.34
C MET A 200 19.38 8.60 -6.73
N ASP A 201 20.68 8.84 -6.98
CA ASP A 201 21.26 8.40 -8.24
C ASP A 201 21.28 6.89 -8.38
N LYS A 202 21.59 6.21 -7.27
CA LYS A 202 21.58 4.76 -7.29
C LYS A 202 20.15 4.22 -7.40
N LEU A 203 19.17 4.88 -6.78
CA LEU A 203 17.78 4.45 -6.89
C LEU A 203 17.30 4.57 -8.33
N LYS A 204 17.62 5.70 -8.96
CA LYS A 204 17.30 5.87 -10.39
C LYS A 204 17.92 4.80 -11.26
N GLN A 205 19.17 4.44 -10.99
CA GLN A 205 19.83 3.39 -11.74
C GLN A 205 19.10 2.05 -11.55
N PHE A 206 18.65 1.77 -10.33
CA PHE A 206 17.91 0.55 -10.04
C PHE A 206 16.58 0.53 -10.85
N PHE A 207 15.86 1.64 -10.87
CA PHE A 207 14.60 1.72 -11.62
C PHE A 207 14.82 1.49 -13.13
N LEU A 208 15.84 2.13 -13.67
CA LEU A 208 16.25 1.95 -15.07
C LEU A 208 16.63 0.50 -15.39
N ASP A 209 17.43 -0.13 -14.53
CA ASP A 209 17.79 -1.55 -14.71
C ASP A 209 16.58 -2.47 -14.70
N GLY A 210 15.64 -2.22 -13.80
CA GLY A 210 14.37 -2.95 -13.73
C GLY A 210 13.53 -2.74 -14.99
N TYR A 211 13.41 -1.49 -15.42
CA TYR A 211 12.70 -1.16 -16.65
C TYR A 211 13.33 -1.93 -17.83
N ASN A 212 14.65 -1.77 -18.04
CA ASN A 212 15.32 -2.46 -19.14
C ASN A 212 15.21 -4.01 -19.08
N SER A 213 15.39 -4.60 -17.91
CA SER A 213 15.31 -6.06 -17.79
C SER A 213 13.93 -6.61 -18.12
N LEU A 214 12.87 -5.93 -17.71
CA LEU A 214 11.53 -6.36 -18.08
C LEU A 214 11.31 -6.32 -19.60
N ARG A 215 11.67 -5.20 -20.21
CA ARG A 215 11.46 -5.02 -21.65
C ARG A 215 12.31 -6.01 -22.47
N GLN A 216 13.48 -6.34 -21.96
CA GLN A 216 14.35 -7.33 -22.62
C GLN A 216 13.77 -8.75 -22.65
N THR A 217 12.86 -9.08 -21.73
CA THR A 217 12.14 -10.35 -21.76
C THR A 217 11.04 -10.42 -22.84
N GLY A 218 10.83 -9.29 -23.53
CA GLY A 218 9.74 -9.17 -24.48
C GLY A 218 8.42 -8.79 -23.84
N SER A 219 8.46 -8.37 -22.57
CA SER A 219 7.25 -7.93 -21.89
C SER A 219 6.86 -6.50 -22.27
N VAL A 220 5.57 -6.31 -22.47
CA VAL A 220 4.94 -4.98 -22.71
C VAL A 220 4.17 -4.47 -21.47
N THR A 221 4.33 -5.17 -20.34
CA THR A 221 3.64 -4.82 -19.11
C THR A 221 4.10 -3.44 -18.62
N PRO A 222 3.15 -2.59 -18.21
CA PRO A 222 3.56 -1.35 -17.59
C PRO A 222 4.45 -1.51 -16.35
N VAL A 223 5.48 -0.65 -16.28
CA VAL A 223 6.37 -0.52 -15.12
C VAL A 223 5.81 0.59 -14.23
N ILE A 224 5.60 0.26 -12.96
CA ILE A 224 5.09 1.18 -11.98
C ILE A 224 6.26 1.58 -11.05
N ILE A 225 6.54 2.86 -10.95
CA ILE A 225 7.54 3.37 -10.01
C ILE A 225 6.87 4.19 -8.94
N HIS A 226 7.20 3.89 -7.68
CA HIS A 226 6.74 4.72 -6.58
C HIS A 226 7.57 6.00 -6.55
N ASP A 227 6.97 7.10 -6.13
CA ASP A 227 7.60 8.43 -6.20
C ASP A 227 8.76 8.71 -5.22
N ALA A 228 9.06 7.76 -4.33
CA ALA A 228 10.13 7.86 -3.33
C ALA A 228 10.01 9.08 -2.43
N PHE A 229 8.77 9.53 -2.23
CA PHE A 229 8.44 10.67 -1.36
C PHE A 229 9.05 11.98 -1.88
N GLN A 230 9.27 12.05 -3.18
CA GLN A 230 9.73 13.28 -3.84
C GLN A 230 8.56 14.22 -4.16
N VAL A 231 8.88 15.48 -4.41
CA VAL A 231 7.87 16.49 -4.75
C VAL A 231 7.22 16.16 -6.09
N PHE A 232 5.96 16.58 -6.24
CA PHE A 232 5.24 16.45 -7.51
C PHE A 232 6.13 17.00 -8.63
N GLY A 233 6.14 16.28 -9.74
CA GLY A 233 6.96 16.67 -10.91
C GLY A 233 8.39 16.18 -10.93
N TYR A 234 8.90 15.69 -9.81
CA TYR A 234 10.27 15.21 -9.73
C TYR A 234 10.63 14.21 -10.83
N TRP A 235 9.68 13.33 -11.15
CA TRP A 235 9.89 12.25 -12.09
C TRP A 235 9.55 12.56 -13.53
N ASN A 236 9.20 13.80 -13.83
CA ASN A 236 8.75 14.17 -15.17
C ASN A 236 9.77 13.84 -16.26
N ASN A 237 11.05 14.02 -15.94
CA ASN A 237 12.15 13.87 -16.92
C ASN A 237 12.82 12.49 -16.90
N PHE A 238 12.18 11.51 -16.26
CA PHE A 238 12.77 10.20 -16.08
C PHE A 238 11.89 9.15 -16.77
N LEU A 239 12.50 8.21 -17.48
CA LEU A 239 11.77 7.18 -18.23
C LEU A 239 10.71 7.80 -19.18
N THR A 240 11.20 8.54 -20.17
CA THR A 240 10.37 9.35 -21.01
C THR A 240 10.27 8.80 -22.43
N VAL A 241 9.17 9.15 -23.08
CA VAL A 241 8.95 8.79 -24.48
C VAL A 241 10.05 9.33 -25.38
N ALA A 242 10.60 10.51 -25.06
CA ALA A 242 11.71 11.09 -25.82
C ALA A 242 12.95 10.17 -25.84
N GLU A 243 13.10 9.34 -24.81
CA GLU A 243 14.20 8.39 -24.75
C GLU A 243 13.79 6.95 -25.08
N GLY A 244 12.64 6.76 -25.71
CA GLY A 244 12.14 5.45 -26.11
C GLY A 244 11.71 4.55 -24.95
N GLN A 245 11.38 5.16 -23.80
CA GLN A 245 10.95 4.44 -22.64
C GLN A 245 9.45 4.67 -22.47
N TRP A 246 8.68 3.58 -22.40
CA TRP A 246 7.22 3.66 -22.58
C TRP A 246 6.48 2.68 -21.66
N ASN A 247 5.21 2.95 -21.43
CA ASN A 247 4.36 2.17 -20.52
C ASN A 247 4.91 2.26 -19.08
N VAL A 248 5.01 3.49 -18.62
CA VAL A 248 5.52 3.83 -17.28
C VAL A 248 4.43 4.56 -16.52
N VAL A 249 4.20 4.19 -15.26
CA VAL A 249 3.20 4.85 -14.43
C VAL A 249 3.87 5.24 -13.11
N VAL A 250 3.59 6.45 -12.61
CA VAL A 250 4.07 6.88 -11.29
C VAL A 250 2.97 6.63 -10.23
N ASP A 251 3.38 6.01 -9.12
CA ASP A 251 2.53 5.72 -7.97
C ASP A 251 2.79 6.74 -6.86
N HIS A 252 1.80 7.59 -6.57
CA HIS A 252 1.85 8.55 -5.47
C HIS A 252 1.02 8.00 -4.30
N HIS A 253 1.55 8.07 -3.10
CA HIS A 253 0.81 7.72 -1.90
C HIS A 253 0.52 8.99 -1.11
N HIS A 254 -0.64 9.06 -0.45
CA HIS A 254 -1.06 10.30 0.20
C HIS A 254 -1.76 9.99 1.49
N TYR A 255 -1.24 10.56 2.58
CA TYR A 255 -1.87 10.58 3.91
C TYR A 255 -1.72 11.94 4.59
N GLN A 256 -2.49 12.17 5.64
CA GLN A 256 -2.40 13.39 6.42
C GLN A 256 -2.40 13.07 7.93
N VAL A 257 -1.70 12.01 8.32
CA VAL A 257 -1.74 11.56 9.71
C VAL A 257 -0.37 11.29 10.34
N PHE A 258 0.72 11.41 9.59
CA PHE A 258 2.02 10.97 10.11
C PHE A 258 2.94 12.10 10.60
N SER A 259 2.35 13.22 10.97
CA SER A 259 3.04 14.29 11.66
C SER A 259 2.03 15.08 12.48
N GLY A 260 2.53 15.70 13.55
CA GLY A 260 1.72 16.60 14.38
C GLY A 260 1.07 17.73 13.61
N GLY A 261 1.80 18.34 12.70
CA GLY A 261 1.28 19.43 11.87
C GLY A 261 0.08 19.03 11.00
N GLU A 262 0.17 17.86 10.38
CA GLU A 262 -0.91 17.33 9.56
C GLU A 262 -2.13 16.98 10.40
N LEU A 263 -1.90 16.37 11.56
CA LEU A 263 -2.97 15.97 12.45
C LEU A 263 -3.77 17.14 13.05
N SER A 264 -3.12 18.28 13.22
CA SER A 264 -3.77 19.45 13.83
C SER A 264 -4.59 20.29 12.85
N ARG A 265 -4.56 19.96 11.56
CA ARG A 265 -5.40 20.69 10.59
C ARG A 265 -6.88 20.49 10.86
N ASN A 266 -7.67 21.55 10.67
CA ASN A 266 -9.11 21.43 10.74
C ASN A 266 -9.60 20.69 9.48
N ILE A 267 -10.86 20.26 9.46
CA ILE A 267 -11.37 19.48 8.34
C ILE A 267 -11.28 20.25 7.02
N ASN A 268 -11.58 21.56 7.03
CA ASN A 268 -11.53 22.33 5.81
C ASN A 268 -10.14 22.34 5.20
N ASP A 269 -9.09 22.42 6.03
CA ASP A 269 -7.72 22.44 5.54
C ASP A 269 -7.30 21.03 5.08
N HIS A 270 -7.82 19.98 5.72
CA HIS A 270 -7.61 18.62 5.23
C HIS A 270 -8.15 18.48 3.80
N ILE A 271 -9.31 19.06 3.55
CA ILE A 271 -9.93 18.97 2.24
C ILE A 271 -9.14 19.79 1.23
N SER A 272 -8.71 20.98 1.61
CA SER A 272 -7.90 21.80 0.70
C SER A 272 -6.63 21.08 0.25
N VAL A 273 -5.96 20.39 1.19
CA VAL A 273 -4.74 19.63 0.87
C VAL A 273 -5.04 18.48 -0.13
N ALA A 274 -6.12 17.73 0.12
CA ALA A 274 -6.58 16.68 -0.79
C ALA A 274 -6.90 17.20 -2.18
N CYS A 275 -7.63 18.30 -2.27
CA CYS A 275 -7.91 18.88 -3.58
C CYS A 275 -6.61 19.25 -4.30
N ASN A 276 -5.66 19.84 -3.58
CA ASN A 276 -4.38 20.25 -4.18
C ASN A 276 -3.59 19.06 -4.71
N TRP A 277 -3.70 17.89 -4.06
CA TRP A 277 -3.08 16.69 -4.62
C TRP A 277 -3.54 16.42 -6.07
N GLY A 278 -4.82 16.66 -6.33
CA GLY A 278 -5.38 16.48 -7.68
C GLY A 278 -4.83 17.48 -8.69
N TRP A 279 -4.86 18.75 -8.33
CA TRP A 279 -4.35 19.82 -9.20
C TRP A 279 -2.90 19.57 -9.58
N ASP A 280 -2.09 19.21 -8.58
CA ASP A 280 -0.66 19.01 -8.80
C ASP A 280 -0.35 17.77 -9.63
N ALA A 281 -1.07 16.67 -9.38
CA ALA A 281 -0.85 15.46 -10.18
C ALA A 281 -1.22 15.67 -11.69
N LYS A 282 -2.22 16.50 -11.94
CA LYS A 282 -2.65 16.82 -13.31
C LYS A 282 -1.53 17.43 -14.13
N LYS A 283 -0.62 18.17 -13.48
CA LYS A 283 0.47 18.86 -14.20
C LYS A 283 1.60 17.92 -14.59
N GLU A 284 1.64 16.70 -14.04
CA GLU A 284 2.79 15.82 -14.30
C GLU A 284 2.73 15.22 -15.70
N SER A 285 3.88 14.79 -16.19
CA SER A 285 3.95 14.28 -17.56
C SER A 285 3.81 12.76 -17.70
N HIS A 286 3.79 11.99 -16.59
CA HIS A 286 3.52 10.55 -16.68
C HIS A 286 2.11 10.26 -16.23
N TRP A 287 1.54 9.19 -16.74
CA TRP A 287 0.35 8.58 -16.14
C TRP A 287 0.67 8.39 -14.65
N ASN A 288 -0.32 8.62 -13.80
CA ASN A 288 -0.13 8.48 -12.37
C ASN A 288 -1.39 8.03 -11.67
N VAL A 289 -1.20 7.24 -10.62
CA VAL A 289 -2.28 6.64 -9.85
C VAL A 289 -1.96 6.78 -8.35
N ALA A 290 -2.98 7.12 -7.57
CA ALA A 290 -2.87 7.15 -6.11
C ALA A 290 -2.98 5.71 -5.56
N GLY A 291 -1.85 5.03 -5.41
CA GLY A 291 -1.81 3.60 -5.10
C GLY A 291 -2.00 3.24 -3.63
N GLU A 292 -2.01 4.27 -2.78
CA GLU A 292 -2.18 4.13 -1.34
C GLU A 292 -2.69 5.42 -0.74
N TRP A 293 -3.78 5.31 0.01
CA TRP A 293 -4.41 6.41 0.72
C TRP A 293 -5.44 5.75 1.63
N SER A 294 -6.02 6.51 2.55
CA SER A 294 -7.12 5.97 3.38
C SER A 294 -8.05 7.07 3.88
N ALA A 295 -8.95 6.69 4.79
CA ALA A 295 -9.91 7.59 5.40
C ALA A 295 -9.40 8.16 6.70
N ALA A 296 -8.21 7.73 7.13
CA ALA A 296 -7.70 8.14 8.43
C ALA A 296 -7.48 9.64 8.57
N LEU A 297 -8.04 10.20 9.63
CA LEU A 297 -7.76 11.58 10.07
C LEU A 297 -7.01 11.60 11.40
N THR A 298 -6.70 10.40 11.94
CA THR A 298 -5.89 10.24 13.15
C THR A 298 -4.88 9.12 12.91
N ASP A 299 -3.86 9.03 13.79
CA ASP A 299 -2.97 7.89 13.80
C ASP A 299 -3.28 6.98 15.02
N CYS A 300 -4.57 6.87 15.36
CA CYS A 300 -5.01 6.14 16.57
C CYS A 300 -5.00 4.63 16.51
N ALA A 301 -5.04 4.03 15.31
CA ALA A 301 -5.07 2.58 15.19
C ALA A 301 -3.89 1.97 15.94
N LYS A 302 -4.19 1.00 16.80
CA LYS A 302 -3.16 0.36 17.62
C LYS A 302 -2.02 -0.13 16.72
N TRP A 303 -0.79 0.23 17.09
CA TRP A 303 0.43 -0.14 16.37
C TRP A 303 0.56 0.39 14.95
N LEU A 304 -0.26 1.35 14.52
CA LEU A 304 -0.05 2.00 13.19
C LEU A 304 1.41 2.52 12.99
N ASN A 305 1.98 3.10 14.04
CA ASN A 305 3.32 3.65 13.99
C ASN A 305 4.38 2.61 14.26
N GLY A 306 3.93 1.44 14.69
CA GLY A 306 4.77 0.27 14.94
C GLY A 306 4.42 -0.32 16.29
N VAL A 307 4.78 -1.57 16.48
CA VAL A 307 4.68 -2.24 17.74
C VAL A 307 5.41 -1.43 18.83
N ASN A 308 4.74 -1.28 19.98
CA ASN A 308 5.28 -0.54 21.13
C ASN A 308 5.52 0.94 20.89
N ARG A 309 4.78 1.50 19.94
CA ARG A 309 4.75 2.93 19.74
C ARG A 309 3.31 3.38 19.82
N GLY A 310 3.13 4.56 20.43
CA GLY A 310 1.81 5.15 20.62
C GLY A 310 1.39 6.06 19.48
N ALA A 311 0.38 6.88 19.76
CA ALA A 311 -0.25 7.77 18.76
C ALA A 311 0.13 9.21 19.03
N ARG A 312 0.59 9.89 17.97
CA ARG A 312 0.79 11.33 17.99
C ARG A 312 -0.52 12.06 18.37
N TYR A 313 -1.64 11.53 17.92
CA TYR A 313 -2.92 12.19 18.11
C TYR A 313 -3.23 12.45 19.60
N GLU A 314 -2.84 11.53 20.47
CA GLU A 314 -3.05 11.76 21.90
C GLU A 314 -1.75 12.11 22.66
N GLY A 315 -0.82 12.73 21.93
CA GLY A 315 0.47 13.18 22.45
C GLY A 315 1.32 12.08 23.05
N ALA A 316 1.29 10.89 22.45
CA ALA A 316 2.01 9.75 22.98
C ALA A 316 3.13 9.25 22.08
N TYR A 317 3.54 10.05 21.08
CA TYR A 317 4.61 9.64 20.15
C TYR A 317 5.19 10.84 19.40
N ASP A 318 6.49 10.80 19.10
CA ASP A 318 7.11 11.72 18.14
C ASP A 318 7.02 13.19 18.63
N ASN A 319 7.06 13.37 19.95
CA ASN A 319 6.86 14.69 20.62
C ASN A 319 5.66 15.51 20.12
N ALA A 320 4.59 14.85 19.72
CA ALA A 320 3.42 15.56 19.22
C ALA A 320 2.62 16.06 20.43
N PRO A 321 1.96 17.20 20.29
CA PRO A 321 1.04 17.60 21.35
C PRO A 321 -0.26 16.76 21.32
N TYR A 322 -0.90 16.62 22.47
CA TYR A 322 -2.22 15.99 22.57
C TYR A 322 -3.23 16.77 21.78
N ILE A 323 -3.97 16.08 20.92
CA ILE A 323 -5.07 16.69 20.20
C ILE A 323 -6.37 16.12 20.76
N GLY A 324 -6.48 14.80 20.84
CA GLY A 324 -7.68 14.15 21.36
C GLY A 324 -7.41 12.73 21.82
N SER A 325 -8.36 12.16 22.56
CA SER A 325 -8.23 10.78 23.04
C SER A 325 -8.56 9.80 21.90
N CYS A 326 -7.74 8.76 21.76
CA CYS A 326 -7.92 7.73 20.74
C CYS A 326 -9.01 6.72 21.10
N GLN A 327 -9.13 6.43 22.39
CA GLN A 327 -10.05 5.36 22.83
C GLN A 327 -11.44 5.46 22.21
N PRO A 328 -12.07 6.65 22.25
CA PRO A 328 -13.40 6.83 21.63
C PRO A 328 -13.46 6.63 20.12
N LEU A 329 -12.31 6.73 19.44
CA LEU A 329 -12.22 6.64 17.98
C LEU A 329 -11.85 5.24 17.48
N LEU A 330 -11.63 4.28 18.39
CA LEU A 330 -11.22 2.94 17.99
C LEU A 330 -12.40 2.10 17.45
N ASP A 331 -13.62 2.45 17.84
CA ASP A 331 -14.84 1.72 17.44
C ASP A 331 -15.78 2.64 16.68
N ILE A 332 -16.03 2.31 15.42
CA ILE A 332 -16.80 3.17 14.53
C ILE A 332 -18.23 3.42 15.04
N SER A 333 -18.76 2.47 15.81
CA SER A 333 -20.07 2.67 16.46
C SER A 333 -20.04 3.73 17.57
N GLN A 334 -18.86 4.10 18.06
CA GLN A 334 -18.74 5.15 19.08
C GLN A 334 -18.43 6.53 18.48
N TRP A 335 -18.29 6.61 17.15
CA TRP A 335 -17.92 7.89 16.54
C TRP A 335 -19.04 8.90 16.64
N SER A 336 -18.68 10.15 16.91
CA SER A 336 -19.65 11.25 16.85
C SER A 336 -20.18 11.46 15.43
N ASP A 337 -21.40 12.01 15.36
CA ASP A 337 -21.95 12.50 14.09
C ASP A 337 -20.96 13.39 13.36
N GLU A 338 -20.27 14.28 14.09
CA GLU A 338 -19.35 15.18 13.43
C GLU A 338 -18.18 14.39 12.80
N HIS A 339 -17.66 13.39 13.52
CA HIS A 339 -16.52 12.63 12.99
C HIS A 339 -16.90 11.81 11.76
N LYS A 340 -18.10 11.26 11.77
CA LYS A 340 -18.63 10.53 10.62
C LYS A 340 -18.76 11.44 9.40
N THR A 341 -19.29 12.64 9.60
CA THR A 341 -19.43 13.59 8.51
C THR A 341 -18.08 14.02 7.94
N ASP A 342 -17.13 14.34 8.83
CA ASP A 342 -15.79 14.75 8.42
C ASP A 342 -15.14 13.66 7.58
N THR A 343 -15.30 12.41 8.01
CA THR A 343 -14.75 11.25 7.28
C THR A 343 -15.33 11.14 5.88
N ARG A 344 -16.66 11.26 5.75
CA ARG A 344 -17.31 11.14 4.44
C ARG A 344 -16.82 12.26 3.50
N ARG A 345 -16.74 13.50 4.01
CA ARG A 345 -16.23 14.65 3.25
C ARG A 345 -14.83 14.40 2.74
N TYR A 346 -14.00 13.86 3.63
CA TYR A 346 -12.58 13.61 3.34
C TYR A 346 -12.41 12.53 2.29
N ILE A 347 -13.17 11.44 2.41
CA ILE A 347 -13.18 10.40 1.38
C ILE A 347 -13.61 10.93 0.01
N GLU A 348 -14.71 11.68 -0.03
CA GLU A 348 -15.20 12.18 -1.32
C GLU A 348 -14.22 13.16 -1.98
N ALA A 349 -13.60 14.04 -1.19
CA ALA A 349 -12.61 14.97 -1.73
C ALA A 349 -11.44 14.21 -2.35
N GLN A 350 -10.94 13.19 -1.63
CA GLN A 350 -9.87 12.35 -2.14
C GLN A 350 -10.24 11.61 -3.42
N LEU A 351 -11.42 10.96 -3.45
CA LEU A 351 -11.89 10.31 -4.67
C LEU A 351 -11.93 11.27 -5.88
N ASP A 352 -12.46 12.48 -5.71
CA ASP A 352 -12.52 13.44 -6.83
C ASP A 352 -11.11 13.80 -7.26
N ALA A 353 -10.22 14.05 -6.30
CA ALA A 353 -8.82 14.41 -6.62
C ALA A 353 -8.12 13.29 -7.40
N PHE A 354 -8.32 12.04 -6.98
CA PHE A 354 -7.62 10.93 -7.60
C PHE A 354 -8.20 10.49 -8.96
N GLU A 355 -9.52 10.61 -9.11
CA GLU A 355 -10.17 10.36 -10.41
C GLU A 355 -9.85 11.44 -11.44
N TYR A 356 -9.34 12.57 -10.99
CA TYR A 356 -8.92 13.63 -11.91
C TYR A 356 -7.71 13.23 -12.73
N THR A 357 -6.91 12.26 -12.23
CA THR A 357 -5.88 11.62 -13.04
C THR A 357 -6.18 10.10 -13.17
N GLY A 358 -5.25 9.22 -12.80
CA GLY A 358 -5.42 7.80 -13.19
C GLY A 358 -6.34 6.95 -12.34
N GLY A 359 -6.81 7.48 -11.22
CA GLY A 359 -7.60 6.69 -10.28
C GLY A 359 -6.90 6.46 -8.94
N TRP A 360 -7.42 5.49 -8.19
CA TRP A 360 -7.10 5.36 -6.78
C TRP A 360 -7.13 3.91 -6.32
N VAL A 361 -6.36 3.65 -5.26
CA VAL A 361 -6.25 2.31 -4.68
C VAL A 361 -6.19 2.44 -3.16
N PHE A 362 -7.33 2.18 -2.53
CA PHE A 362 -7.50 2.43 -1.11
C PHE A 362 -6.70 1.40 -0.29
N TRP A 363 -6.08 1.85 0.79
CA TRP A 363 -5.38 0.95 1.75
C TRP A 363 -6.23 0.85 3.03
N SER A 364 -6.87 -0.28 3.30
CA SER A 364 -6.77 -1.55 2.55
C SER A 364 -8.18 -2.18 2.47
N TRP A 365 -8.31 -3.32 1.80
CA TRP A 365 -9.61 -4.02 1.69
C TRP A 365 -10.20 -4.33 3.07
N LYS A 366 -9.36 -4.86 3.96
CA LYS A 366 -9.79 -5.25 5.29
C LYS A 366 -8.70 -5.14 6.35
N THR A 367 -9.15 -4.95 7.59
CA THR A 367 -8.31 -5.03 8.79
C THR A 367 -9.11 -5.82 9.80
N GLU A 368 -8.48 -6.33 10.84
CA GLU A 368 -9.23 -6.99 11.93
C GLU A 368 -10.17 -6.01 12.65
N ASN A 369 -9.65 -4.85 13.03
CA ASN A 369 -10.39 -3.93 13.86
C ASN A 369 -9.94 -2.49 13.78
N ALA A 370 -9.42 -2.06 12.62
CA ALA A 370 -8.99 -0.67 12.43
C ALA A 370 -9.90 -0.08 11.33
N PRO A 371 -11.00 0.57 11.71
CA PRO A 371 -12.00 1.01 10.72
C PRO A 371 -11.54 2.09 9.71
N GLU A 372 -10.61 2.97 10.09
CA GLU A 372 -10.14 4.02 9.19
C GLU A 372 -9.40 3.44 7.97
N TRP A 373 -8.95 2.19 8.11
CA TRP A 373 -8.08 1.50 7.16
C TRP A 373 -8.76 0.27 6.48
N SER A 374 -10.09 0.18 6.61
CA SER A 374 -10.84 -0.93 6.06
C SER A 374 -11.94 -0.46 5.10
N PHE A 375 -11.74 -0.72 3.81
CA PHE A 375 -12.76 -0.43 2.81
C PHE A 375 -14.14 -1.10 3.16
N GLN A 376 -14.08 -2.36 3.59
CA GLN A 376 -15.30 -3.08 4.03
C GLN A 376 -16.06 -2.37 5.13
N THR A 377 -15.37 -2.04 6.21
CA THR A 377 -16.00 -1.44 7.38
C THR A 377 -16.62 -0.07 7.04
N LEU A 378 -15.86 0.73 6.30
CA LEU A 378 -16.34 2.05 5.87
C LEU A 378 -17.55 1.98 4.94
N THR A 379 -17.54 1.04 4.00
CA THR A 379 -18.67 0.86 3.08
C THR A 379 -19.93 0.39 3.85
N TYR A 380 -19.75 -0.61 4.70
CA TYR A 380 -20.89 -1.15 5.46
C TYR A 380 -21.51 -0.14 6.44
N ASN A 381 -20.74 0.84 6.89
CA ASN A 381 -21.25 1.88 7.76
C ASN A 381 -21.66 3.17 7.05
N GLY A 382 -21.70 3.12 5.72
CA GLY A 382 -22.21 4.25 4.93
C GLY A 382 -21.23 5.40 4.77
N LEU A 383 -19.96 5.20 5.13
CA LEU A 383 -18.98 6.30 5.07
C LEU A 383 -18.20 6.37 3.77
N PHE A 384 -18.03 5.22 3.11
CA PHE A 384 -17.42 5.18 1.79
C PHE A 384 -18.58 5.11 0.81
N PRO A 385 -18.64 6.04 -0.18
CA PRO A 385 -19.74 6.04 -1.15
C PRO A 385 -19.99 4.66 -1.80
N GLN A 386 -21.26 4.26 -1.88
CA GLN A 386 -21.65 3.07 -2.61
C GLN A 386 -22.98 3.36 -3.32
N PRO A 387 -22.99 3.37 -4.66
CA PRO A 387 -21.88 3.21 -5.59
C PRO A 387 -20.79 4.26 -5.36
N VAL A 388 -19.58 3.96 -5.82
CA VAL A 388 -18.43 4.78 -5.46
C VAL A 388 -18.50 6.17 -6.11
N THR A 389 -19.43 6.37 -7.05
CA THR A 389 -19.72 7.69 -7.66
C THR A 389 -20.68 8.62 -6.91
N ASP A 390 -21.31 8.10 -5.87
CA ASP A 390 -22.28 8.82 -5.06
C ASP A 390 -21.57 9.94 -4.30
N ARG A 391 -22.20 11.12 -4.23
CA ARG A 391 -21.62 12.22 -3.48
C ARG A 391 -22.66 12.87 -2.60
N GLN A 392 -22.40 12.90 -1.28
CA GLN A 392 -23.13 13.71 -0.34
C GLN A 392 -22.58 15.12 -0.29
N PHE A 393 -21.34 15.32 -0.75
CA PHE A 393 -20.65 16.62 -0.68
C PHE A 393 -20.07 16.86 -2.07
N PRO A 394 -20.96 17.13 -3.02
CA PRO A 394 -20.47 17.21 -4.39
C PRO A 394 -19.56 18.43 -4.63
N ASN A 395 -18.57 18.22 -5.48
CA ASN A 395 -17.73 19.30 -6.02
C ASN A 395 -17.02 20.14 -4.97
N GLN A 396 -16.36 19.48 -4.02
CA GLN A 396 -15.61 20.20 -3.02
C GLN A 396 -14.36 20.88 -3.60
N CYS A 397 -13.81 20.33 -4.68
CA CYS A 397 -12.53 20.83 -5.21
C CYS A 397 -12.66 21.78 -6.41
N GLY A 398 -13.75 21.71 -7.16
CA GLY A 398 -13.93 22.60 -8.33
C GLY A 398 -13.00 22.31 -9.48
N PHE A 399 -12.77 21.03 -9.77
CA PHE A 399 -11.92 20.66 -10.90
C PHE A 399 -12.61 21.00 -12.23
N HIS A 400 -11.81 21.38 -13.22
CA HIS A 400 -12.33 21.56 -14.57
C HIS A 400 -11.36 20.96 -15.58
#